data_4BE0
#
_entry.id   4BE0
#
_cell.length_a   160.120
_cell.length_b   160.120
_cell.length_c   124.050
_cell.angle_alpha   90.00
_cell.angle_beta   90.00
_cell.angle_gamma   90.00
#
_symmetry.space_group_name_H-M   'P 41 21 2'
#
loop_
_entity.id
_entity.type
_entity.pdbx_description
1 polymer 'PFV INTEGRASE'
2 polymer '19 NUCLEOTIDE PREPROCESSED PFV DONOR DNA (NON-TRANSFERRED STRAND)'
3 polymer '17 NUCLEOTIDE PREPROCESSED PFV DONOR DNA (TRANSFERRED STRAND)'
4 non-polymer 'ZINC ION'
5 non-polymer 'SULFATE ION'
6 non-polymer GLYCEROL
7 non-polymer 'MAGNESIUM ION'
8 non-polymer 2-(3-chloro-2-fluorobenzyl)-4,5-dihydroxy-1H-isoindole-1,3(2H)-dione
9 water water
#
loop_
_entity_poly.entity_id
_entity_poly.type
_entity_poly.pdbx_seq_one_letter_code
_entity_poly.pdbx_strand_id
1 'polypeptide(L)'
;GPGCNTKKPNLDAELDQLLQGHYIKGYPKQYTYFLEDGKVKVSRPEGVKIIPPQSDRQKIVLQAHNLAHTGREATLLKIA
NLYWWPNMRKDVVKQLGRCQQCLITNASNKASGPILRPDRPQKPFDKFFIDYIGPLPPSQGYLYVLVVVDGMTGFTWLYP
TKAPSTSATVKSLNVLTSIAIPKVIHSDQGAAFTSSTFAEWAKERGIHLEFSTPYHPQSSGKVERKNSDIKRLLTKLLVG
RPTKWYDLLPVVQLALNNTYSPVLKYTPHQLLFGIDSNTPFANQDTLDLTREEELSLLQEIRTSLYHPSTPPASSRSWSP
VVGQLVQERVARPASLRPRWHKPSTVLKVLNPRTVVILDHLGNNRTVSIDNLKPTSHQNGTTNDTATMDHLEKNE
;
A,B
2 'polydeoxyribonucleotide' (DA)(DT)(DT)(DG)(DT)(DC)(DA)(DT)(DG)(DG)(DA)(DA)(DT)(DT)(DT)(DC)(DG)(DC)(DA) C
3 'polydeoxyribonucleotide' (DT)(DG)(DC)(DG)(DA)(DA)(DA)(DT)(DT)(DC)(DC)(DA)(DT)(DG)(DA)(DC)(DA) D
#
# COMPACT_ATOMS: atom_id res chain seq x y z
N LEU A 11 -2.98 50.20 -36.74
CA LEU A 11 -4.25 49.96 -37.49
C LEU A 11 -4.24 50.71 -38.83
N ASP A 12 -5.00 51.81 -38.93
CA ASP A 12 -5.13 52.62 -40.16
C ASP A 12 -3.96 53.57 -40.43
N ALA A 13 -3.33 54.04 -39.35
CA ALA A 13 -2.10 54.82 -39.45
C ALA A 13 -1.02 54.02 -40.19
N GLU A 14 -0.76 52.82 -39.67
CA GLU A 14 0.22 51.88 -40.24
C GLU A 14 -0.02 51.55 -41.71
N LEU A 15 -1.26 51.22 -42.04
CA LEU A 15 -1.62 50.78 -43.39
C LEU A 15 -1.66 51.94 -44.38
N ASP A 16 -2.03 53.13 -43.89
CA ASP A 16 -1.98 54.35 -44.69
C ASP A 16 -0.52 54.55 -45.08
N GLN A 17 0.29 54.80 -44.03
CA GLN A 17 1.75 54.88 -44.10
C GLN A 17 2.35 53.84 -45.06
N LEU A 18 1.68 52.69 -45.19
CA LEU A 18 2.15 51.62 -46.07
C LEU A 18 1.76 51.83 -47.52
N LEU A 19 0.50 52.19 -47.76
CA LEU A 19 -0.03 52.29 -49.12
C LEU A 19 0.84 53.20 -50.01
N GLN A 20 1.30 54.29 -49.41
CA GLN A 20 2.16 55.26 -50.11
C GLN A 20 3.58 54.74 -50.35
N GLY A 21 3.75 53.41 -50.23
CA GLY A 21 5.01 52.74 -50.55
C GLY A 21 6.20 52.93 -49.61
N HIS A 22 5.98 53.46 -48.41
CA HIS A 22 7.05 53.51 -47.39
C HIS A 22 7.09 52.26 -46.56
N TYR A 23 8.28 51.89 -46.09
CA TYR A 23 8.50 50.55 -45.50
C TYR A 23 8.09 50.44 -44.04
N ILE A 24 7.20 49.50 -43.70
CA ILE A 24 6.87 49.19 -42.28
C ILE A 24 7.48 47.87 -41.82
N LYS A 25 8.09 47.87 -40.64
CA LYS A 25 8.74 46.67 -40.14
C LYS A 25 7.73 45.54 -40.07
N GLY A 26 8.04 44.44 -40.73
CA GLY A 26 7.16 43.27 -40.77
C GLY A 26 6.44 43.05 -42.09
N TYR A 27 6.29 44.10 -42.90
CA TYR A 27 5.71 43.98 -44.24
C TYR A 27 6.85 44.03 -45.24
N PRO A 28 7.27 42.86 -45.78
CA PRO A 28 8.41 42.80 -46.71
C PRO A 28 8.23 43.75 -47.90
N LYS A 29 9.30 44.44 -48.28
CA LYS A 29 9.24 45.54 -49.29
C LYS A 29 8.91 45.08 -50.71
N GLN A 30 9.31 43.86 -51.05
CA GLN A 30 9.21 43.34 -52.42
C GLN A 30 7.78 43.06 -52.92
N TYR A 31 6.78 43.30 -52.10
CA TYR A 31 5.39 43.03 -52.51
C TYR A 31 4.62 44.30 -52.74
N THR A 32 3.69 44.26 -53.67
CA THR A 32 2.92 45.47 -53.95
C THR A 32 1.58 45.51 -53.19
N TYR A 33 1.48 46.50 -52.30
CA TYR A 33 0.35 46.70 -51.39
C TYR A 33 -0.69 47.73 -51.88
N PHE A 34 -1.66 47.29 -52.69
CA PHE A 34 -2.69 48.21 -53.16
C PHE A 34 -3.93 48.43 -52.27
N LEU A 35 -4.89 49.16 -52.83
CA LEU A 35 -6.23 49.38 -52.27
C LEU A 35 -7.28 48.94 -53.30
N GLU A 36 -8.47 48.54 -52.85
CA GLU A 36 -9.48 47.94 -53.70
C GLU A 36 -10.68 47.61 -52.83
N ASP A 37 -11.88 47.88 -53.35
CA ASP A 37 -13.14 47.61 -52.63
C ASP A 37 -13.15 48.19 -51.21
N GLY A 38 -12.34 49.21 -51.00
CA GLY A 38 -12.25 49.88 -49.71
C GLY A 38 -11.31 49.22 -48.72
N LYS A 39 -10.51 48.27 -49.20
CA LYS A 39 -9.67 47.45 -48.32
C LYS A 39 -8.22 47.32 -48.81
N VAL A 40 -7.27 47.31 -47.88
CA VAL A 40 -5.85 47.09 -48.23
C VAL A 40 -5.58 45.65 -48.65
N LYS A 41 -4.94 45.46 -49.79
CA LYS A 41 -4.64 44.10 -50.26
C LYS A 41 -3.18 43.97 -50.62
N VAL A 42 -2.76 42.75 -50.90
CA VAL A 42 -1.38 42.44 -51.25
C VAL A 42 -1.35 41.20 -52.11
N SER A 43 -0.44 41.20 -53.08
CA SER A 43 -0.33 40.11 -54.01
C SER A 43 0.79 39.20 -53.56
N ARG A 44 0.42 38.17 -52.81
CA ARG A 44 1.36 37.20 -52.28
C ARG A 44 1.38 35.99 -53.20
N PRO A 45 2.47 35.18 -53.16
CA PRO A 45 2.52 34.11 -54.15
C PRO A 45 1.29 33.19 -54.12
N GLU A 46 0.69 32.97 -52.95
CA GLU A 46 -0.51 32.12 -52.82
C GLU A 46 -1.75 32.78 -53.44
N GLY A 47 -1.68 34.09 -53.61
CA GLY A 47 -2.78 34.87 -54.16
C GLY A 47 -2.87 36.25 -53.53
N VAL A 48 -4.00 36.92 -53.80
CA VAL A 48 -4.28 38.24 -53.24
C VAL A 48 -4.98 38.03 -51.90
N LYS A 49 -4.47 38.65 -50.84
CA LYS A 49 -5.11 38.53 -49.53
C LYS A 49 -5.37 39.90 -48.98
N ILE A 50 -6.42 40.03 -48.20
CA ILE A 50 -6.68 41.26 -47.49
C ILE A 50 -5.76 41.41 -46.27
N ILE A 51 -5.19 42.59 -46.08
CA ILE A 51 -4.46 42.91 -44.86
C ILE A 51 -5.34 43.72 -43.95
N PRO A 52 -5.94 43.11 -42.93
CA PRO A 52 -6.76 43.91 -42.05
C PRO A 52 -5.92 44.83 -41.17
N PRO A 53 -6.51 45.94 -40.70
CA PRO A 53 -5.91 46.81 -39.70
C PRO A 53 -5.69 46.03 -38.42
N GLN A 54 -4.67 46.41 -37.66
CA GLN A 54 -4.31 45.70 -36.45
C GLN A 54 -5.49 45.63 -35.46
N SER A 55 -6.34 46.63 -35.47
CA SER A 55 -7.46 46.69 -34.52
C SER A 55 -8.55 45.69 -34.85
N ASP A 56 -8.40 44.99 -35.98
CA ASP A 56 -9.37 43.99 -36.43
C ASP A 56 -8.91 42.54 -36.19
N ARG A 57 -7.60 42.38 -36.05
CA ARG A 57 -6.97 41.08 -36.06
C ARG A 57 -7.45 40.12 -34.96
N GLN A 58 -7.52 40.58 -33.73
CA GLN A 58 -7.96 39.70 -32.67
C GLN A 58 -9.36 39.13 -32.96
N LYS A 59 -10.27 39.96 -33.45
CA LYS A 59 -11.63 39.53 -33.81
C LYS A 59 -11.65 38.46 -34.88
N ILE A 60 -10.81 38.64 -35.90
CA ILE A 60 -10.68 37.68 -37.00
C ILE A 60 -10.16 36.30 -36.51
N VAL A 61 -9.03 36.31 -35.80
CA VAL A 61 -8.42 35.12 -35.23
C VAL A 61 -9.46 34.41 -34.35
N LEU A 62 -10.26 35.19 -33.68
CA LEU A 62 -11.21 34.61 -32.79
C LEU A 62 -12.39 33.96 -33.53
N GLN A 63 -12.86 34.58 -34.61
CA GLN A 63 -13.97 34.00 -35.37
C GLN A 63 -13.49 32.74 -36.06
N ALA A 64 -12.24 32.76 -36.50
CA ALA A 64 -11.70 31.60 -37.18
C ALA A 64 -11.56 30.46 -36.16
N HIS A 65 -10.96 30.76 -35.02
CA HIS A 65 -10.81 29.74 -34.00
C HIS A 65 -12.15 29.19 -33.57
N ASN A 66 -13.15 30.05 -33.46
CA ASN A 66 -14.42 29.63 -32.90
C ASN A 66 -15.25 28.70 -33.74
N LEU A 67 -14.94 28.58 -35.03
CA LEU A 67 -15.74 27.75 -35.92
C LEU A 67 -15.79 26.31 -35.40
N ALA A 68 -14.62 25.76 -35.04
CA ALA A 68 -14.64 24.45 -34.44
C ALA A 68 -13.65 24.30 -33.27
N HIS A 69 -13.24 25.43 -32.69
CA HIS A 69 -12.23 25.43 -31.61
C HIS A 69 -11.00 24.66 -31.96
N THR A 70 -10.50 24.96 -33.16
CA THR A 70 -9.31 24.35 -33.75
C THR A 70 -8.02 24.88 -33.13
N GLY A 71 -6.95 24.08 -33.23
CA GLY A 71 -5.63 24.47 -32.73
C GLY A 71 -4.88 25.33 -33.73
N ARG A 72 -3.54 25.32 -33.67
CA ARG A 72 -2.74 26.33 -34.36
C ARG A 72 -2.90 26.29 -35.88
N GLU A 73 -2.38 25.25 -36.51
CA GLU A 73 -2.51 25.10 -37.95
C GLU A 73 -3.94 25.14 -38.52
N ALA A 74 -4.87 24.46 -37.89
CA ALA A 74 -6.17 24.35 -38.49
C ALA A 74 -6.90 25.70 -38.43
N THR A 75 -6.60 26.50 -37.41
CA THR A 75 -7.08 27.87 -37.32
C THR A 75 -6.36 28.73 -38.36
N LEU A 76 -5.04 28.65 -38.41
CA LEU A 76 -4.32 29.45 -39.38
C LEU A 76 -4.82 29.25 -40.84
N LEU A 77 -5.04 28.00 -41.23
CA LEU A 77 -5.49 27.69 -42.58
C LEU A 77 -6.83 28.34 -42.94
N LYS A 78 -7.71 28.56 -41.97
CA LYS A 78 -8.94 29.31 -42.24
C LYS A 78 -8.58 30.75 -42.52
N ILE A 79 -7.82 31.36 -41.62
CA ILE A 79 -7.48 32.77 -41.76
C ILE A 79 -6.79 33.03 -43.10
N ALA A 80 -5.73 32.27 -43.38
CA ALA A 80 -4.97 32.41 -44.64
C ALA A 80 -5.85 32.40 -45.89
N ASN A 81 -7.03 31.79 -45.82
CA ASN A 81 -7.94 31.81 -46.97
C ASN A 81 -8.28 33.22 -47.45
N LEU A 82 -8.52 34.14 -46.50
CA LEU A 82 -8.83 35.53 -46.80
C LEU A 82 -7.74 36.54 -46.44
N TYR A 83 -6.96 36.28 -45.40
CA TYR A 83 -6.06 37.32 -44.92
C TYR A 83 -4.58 37.01 -44.98
N TRP A 84 -3.80 38.08 -44.87
CA TRP A 84 -2.38 37.99 -44.60
C TRP A 84 -2.01 39.14 -43.72
N TRP A 85 -1.10 38.89 -42.78
CA TRP A 85 -0.44 39.94 -42.04
C TRP A 85 0.83 39.43 -41.41
N PRO A 86 1.68 40.33 -40.85
CA PRO A 86 2.96 39.80 -40.33
C PRO A 86 2.72 39.01 -39.08
N ASN A 87 3.34 37.83 -39.01
CA ASN A 87 3.35 36.95 -37.81
C ASN A 87 1.98 36.50 -37.33
N MET A 88 1.23 35.92 -38.25
CA MET A 88 -0.11 35.46 -37.97
C MET A 88 -0.19 34.42 -36.83
N ARG A 89 0.73 33.46 -36.84
CA ARG A 89 0.66 32.44 -35.83
C ARG A 89 0.83 32.99 -34.42
N LYS A 90 1.54 34.11 -34.25
CA LYS A 90 1.72 34.66 -32.90
C LYS A 90 0.38 35.08 -32.36
N ASP A 91 -0.43 35.70 -33.22
CA ASP A 91 -1.79 36.08 -32.82
C ASP A 91 -2.69 34.85 -32.61
N VAL A 92 -2.57 33.85 -33.49
CA VAL A 92 -3.34 32.63 -33.32
C VAL A 92 -3.00 32.01 -31.96
N VAL A 93 -1.72 31.80 -31.70
CA VAL A 93 -1.31 31.25 -30.42
C VAL A 93 -1.71 32.08 -29.18
N LYS A 94 -1.67 33.40 -29.29
CA LYS A 94 -2.17 34.28 -28.22
C LYS A 94 -3.63 33.92 -27.89
N GLN A 95 -4.42 33.61 -28.91
CA GLN A 95 -5.82 33.30 -28.68
C GLN A 95 -6.04 31.92 -28.09
N LEU A 96 -5.25 30.95 -28.55
CA LEU A 96 -5.35 29.59 -28.04
C LEU A 96 -5.03 29.54 -26.54
N GLY A 97 -4.03 30.32 -26.12
CA GLY A 97 -3.64 30.42 -24.72
C GLY A 97 -4.68 31.09 -23.85
N ARG A 98 -5.64 31.82 -24.45
CA ARG A 98 -6.73 32.43 -23.72
C ARG A 98 -8.09 31.74 -23.91
N CYS A 99 -8.17 30.70 -24.74
CA CYS A 99 -9.47 30.04 -24.86
C CYS A 99 -9.72 29.03 -23.69
N GLN A 100 -10.56 29.42 -22.76
CA GLN A 100 -10.83 28.60 -21.58
C GLN A 100 -11.28 27.23 -22.05
N GLN A 101 -12.25 27.24 -22.94
CA GLN A 101 -12.86 26.03 -23.45
C GLN A 101 -11.84 25.07 -24.05
N CYS A 102 -10.95 25.57 -24.90
CA CYS A 102 -9.89 24.68 -25.44
C CYS A 102 -8.95 24.17 -24.37
N LEU A 103 -8.53 25.05 -23.46
CA LEU A 103 -7.53 24.69 -22.44
C LEU A 103 -7.99 23.57 -21.47
N ILE A 104 -9.27 23.53 -21.17
CA ILE A 104 -9.76 22.54 -20.22
C ILE A 104 -10.36 21.33 -20.90
N THR A 105 -10.61 21.41 -22.21
CA THR A 105 -11.13 20.26 -22.93
C THR A 105 -10.07 19.47 -23.69
N ASN A 106 -9.14 20.12 -24.36
CA ASN A 106 -8.13 19.38 -25.11
C ASN A 106 -7.27 18.42 -24.28
N ALA A 107 -6.69 17.45 -24.97
CA ALA A 107 -5.84 16.46 -24.38
C ALA A 107 -4.43 17.04 -24.35
N SER A 108 -3.55 16.46 -23.56
CA SER A 108 -2.14 16.84 -23.56
C SER A 108 -1.46 16.11 -24.67
N ASN A 109 -0.31 16.57 -25.10
CA ASN A 109 0.43 15.75 -26.00
C ASN A 109 1.88 15.70 -25.55
N LYS A 110 2.08 15.91 -24.24
CA LYS A 110 3.37 15.68 -23.61
C LYS A 110 3.21 14.60 -22.52
N ALA A 111 4.01 13.53 -22.61
CA ALA A 111 4.03 12.46 -21.61
C ALA A 111 4.63 12.91 -20.25
N SER A 112 4.28 12.21 -19.16
CA SER A 112 4.96 12.36 -17.87
C SER A 112 6.47 11.99 -17.92
N GLY A 113 7.25 12.56 -17.00
CA GLY A 113 8.66 12.17 -16.90
C GLY A 113 8.71 10.74 -16.39
N PRO A 114 9.86 10.08 -16.54
CA PRO A 114 9.97 8.64 -16.17
C PRO A 114 9.69 8.38 -14.69
N ILE A 115 9.14 7.21 -14.38
CA ILE A 115 8.75 6.85 -13.02
C ILE A 115 9.94 6.72 -12.04
N LEU A 116 9.71 7.06 -10.78
CA LEU A 116 10.67 6.79 -9.70
C LEU A 116 10.56 5.37 -9.26
N ARG A 117 11.68 4.80 -8.83
CA ARG A 117 11.66 3.49 -8.22
C ARG A 117 12.09 3.64 -6.76
N PRO A 118 11.18 4.04 -5.87
CA PRO A 118 11.59 4.27 -4.47
C PRO A 118 12.38 3.10 -3.92
N ASP A 119 13.43 3.36 -3.14
CA ASP A 119 14.17 2.34 -2.40
C ASP A 119 13.27 1.34 -1.67
N ARG A 120 13.71 0.09 -1.61
CA ARG A 120 12.95 -0.90 -0.87
C ARG A 120 13.11 -0.52 0.60
N PRO A 121 12.02 -0.57 1.39
CA PRO A 121 12.14 -0.49 2.84
C PRO A 121 13.34 -1.28 3.36
N GLN A 122 14.02 -0.76 4.37
CA GLN A 122 15.20 -1.46 4.83
C GLN A 122 14.91 -2.73 5.63
N LYS A 123 13.84 -2.71 6.41
CA LYS A 123 13.54 -3.81 7.29
C LYS A 123 12.09 -4.26 7.18
N PRO A 124 11.83 -5.53 7.48
CA PRO A 124 10.46 -5.93 7.69
C PRO A 124 9.88 -5.02 8.72
N PHE A 125 8.60 -4.71 8.55
CA PHE A 125 7.82 -3.81 9.40
C PHE A 125 8.12 -2.30 9.34
N ASP A 126 9.10 -1.91 8.51
CA ASP A 126 9.34 -0.47 8.29
C ASP A 126 8.15 0.16 7.61
N LYS A 127 7.55 -0.54 6.63
CA LYS A 127 6.45 0.02 5.86
C LYS A 127 5.49 -1.03 5.33
N PHE A 128 4.22 -0.86 5.63
CA PHE A 128 3.14 -1.73 5.15
C PHE A 128 2.44 -1.00 4.02
N PHE A 129 2.00 -1.74 3.00
CA PHE A 129 1.12 -1.16 1.98
C PHE A 129 -0.17 -1.92 2.11
N ILE A 130 -1.27 -1.19 2.24
CA ILE A 130 -2.56 -1.85 2.43
C ILE A 130 -3.58 -1.36 1.42
N ASP A 131 -4.53 -2.22 1.06
CA ASP A 131 -5.50 -1.88 0.04
C ASP A 131 -6.66 -2.84 0.04
N TYR A 132 -7.77 -2.46 -0.57
CA TYR A 132 -8.88 -3.39 -0.72
C TYR A 132 -8.99 -3.93 -2.12
N ILE A 133 -9.39 -5.19 -2.21
CA ILE A 133 -9.87 -5.82 -3.46
C ILE A 133 -11.38 -6.05 -3.31
N GLY A 134 -12.16 -5.76 -4.34
CA GLY A 134 -13.59 -6.11 -4.34
C GLY A 134 -14.45 -5.03 -4.94
N PRO A 135 -15.76 -5.24 -5.01
CA PRO A 135 -16.55 -6.37 -4.52
C PRO A 135 -16.28 -7.63 -5.32
N LEU A 136 -16.23 -8.75 -4.61
CA LEU A 136 -16.11 -10.07 -5.21
C LEU A 136 -17.48 -10.76 -5.19
N PRO A 137 -17.62 -11.88 -5.90
CA PRO A 137 -18.86 -12.59 -5.70
C PRO A 137 -19.01 -13.00 -4.22
N PRO A 138 -20.21 -12.83 -3.63
CA PRO A 138 -20.35 -13.14 -2.21
C PRO A 138 -19.91 -14.56 -1.88
N SER A 139 -19.01 -14.66 -0.92
CA SER A 139 -18.60 -15.92 -0.35
C SER A 139 -18.81 -15.79 1.15
N GLN A 140 -19.66 -16.65 1.71
CA GLN A 140 -19.99 -16.65 3.15
C GLN A 140 -20.36 -15.26 3.70
N GLY A 141 -20.95 -14.43 2.85
CA GLY A 141 -21.39 -13.13 3.29
C GLY A 141 -20.31 -12.09 3.18
N TYR A 142 -19.13 -12.52 2.73
CA TYR A 142 -17.98 -11.63 2.56
C TYR A 142 -17.85 -11.17 1.10
N LEU A 143 -17.50 -9.90 0.93
CA LEU A 143 -17.38 -9.32 -0.40
C LEU A 143 -16.02 -8.71 -0.73
N TYR A 144 -15.22 -8.39 0.29
CA TYR A 144 -13.93 -7.75 0.02
C TYR A 144 -12.76 -8.49 0.66
N VAL A 145 -11.54 -8.12 0.28
CA VAL A 145 -10.36 -8.65 0.94
C VAL A 145 -9.49 -7.48 1.30
N LEU A 146 -9.09 -7.40 2.56
CA LEU A 146 -8.03 -6.49 2.97
C LEU A 146 -6.69 -7.14 2.67
N VAL A 147 -5.84 -6.43 1.95
CA VAL A 147 -4.53 -6.94 1.60
C VAL A 147 -3.46 -6.09 2.26
N VAL A 148 -2.57 -6.74 3.01
CA VAL A 148 -1.51 -6.04 3.71
C VAL A 148 -0.18 -6.58 3.25
N VAL A 149 0.67 -5.73 2.68
CA VAL A 149 1.93 -6.20 2.12
C VAL A 149 3.12 -5.52 2.78
N ASP A 150 3.97 -6.31 3.42
CA ASP A 150 5.19 -5.76 3.98
C ASP A 150 6.11 -5.32 2.85
N GLY A 151 6.48 -4.04 2.87
CA GLY A 151 7.27 -3.45 1.81
C GLY A 151 8.58 -4.17 1.55
N MET A 152 9.31 -4.48 2.61
CA MET A 152 10.64 -5.04 2.44
C MET A 152 10.61 -6.48 1.94
N THR A 153 9.76 -7.28 2.54
CA THR A 153 9.74 -8.71 2.27
C THR A 153 8.75 -9.16 1.19
N GLY A 154 7.67 -8.42 1.02
CA GLY A 154 6.59 -8.88 0.17
C GLY A 154 5.62 -9.76 0.93
N PHE A 155 5.99 -10.18 2.14
CA PHE A 155 5.09 -11.03 2.91
C PHE A 155 3.73 -10.36 3.05
N THR A 156 2.66 -11.14 2.79
CA THR A 156 1.29 -10.63 2.64
C THR A 156 0.30 -11.29 3.55
N TRP A 157 -0.59 -10.48 4.13
CA TRP A 157 -1.67 -10.99 4.97
C TRP A 157 -2.97 -10.69 4.32
N LEU A 158 -3.90 -11.64 4.39
CA LEU A 158 -5.21 -11.45 3.78
C LEU A 158 -6.34 -11.53 4.81
N TYR A 159 -7.31 -10.62 4.74
CA TYR A 159 -8.48 -10.69 5.62
C TYR A 159 -9.76 -10.48 4.82
N PRO A 160 -10.72 -11.43 4.91
CA PRO A 160 -12.01 -11.24 4.22
C PRO A 160 -12.88 -10.26 5.00
N THR A 161 -13.40 -9.23 4.34
CA THR A 161 -14.33 -8.33 5.04
C THR A 161 -15.70 -8.26 4.37
N LYS A 162 -16.66 -7.63 5.06
CA LYS A 162 -17.99 -7.46 4.49
C LYS A 162 -18.11 -6.14 3.74
N ALA A 163 -17.22 -5.21 4.05
CA ALA A 163 -17.16 -3.89 3.40
C ALA A 163 -15.71 -3.37 3.42
N PRO A 164 -15.36 -2.37 2.58
CA PRO A 164 -14.02 -1.80 2.74
C PRO A 164 -14.08 -0.63 3.73
N SER A 165 -14.45 -0.92 4.97
CA SER A 165 -14.67 0.09 6.01
C SER A 165 -13.47 0.28 6.96
N THR A 166 -13.39 1.48 7.55
CA THR A 166 -12.46 1.75 8.67
C THR A 166 -12.60 0.65 9.73
N SER A 167 -13.84 0.30 10.06
CA SER A 167 -14.03 -0.60 11.17
C SER A 167 -13.45 -1.99 10.88
N ALA A 168 -13.56 -2.46 9.64
CA ALA A 168 -13.08 -3.82 9.33
C ALA A 168 -11.58 -3.77 9.15
N THR A 169 -11.07 -2.61 8.75
CA THR A 169 -9.64 -2.41 8.71
C THR A 169 -9.03 -2.54 10.13
N VAL A 170 -9.68 -1.89 11.08
CA VAL A 170 -9.18 -1.86 12.43
C VAL A 170 -9.23 -3.27 13.05
N LYS A 171 -10.36 -3.97 12.91
CA LYS A 171 -10.43 -5.35 13.40
C LYS A 171 -9.25 -6.15 12.89
N SER A 172 -8.97 -6.07 11.58
CA SER A 172 -7.98 -6.94 10.92
C SER A 172 -6.57 -6.58 11.36
N LEU A 173 -6.29 -5.29 11.36
CA LEU A 173 -4.97 -4.82 11.81
C LEU A 173 -4.70 -5.03 13.31
N ASN A 174 -5.73 -5.01 14.15
CA ASN A 174 -5.52 -5.43 15.54
C ASN A 174 -5.01 -6.86 15.56
N VAL A 175 -5.59 -7.74 14.75
CA VAL A 175 -5.07 -9.12 14.71
C VAL A 175 -3.65 -9.16 14.14
N LEU A 176 -3.38 -8.40 13.08
CA LEU A 176 -2.09 -8.53 12.42
C LEU A 176 -1.02 -8.00 13.31
N THR A 177 -1.29 -6.84 13.92
CA THR A 177 -0.27 -6.15 14.71
C THR A 177 0.04 -6.82 16.06
N SER A 178 -0.68 -7.89 16.38
CA SER A 178 -0.30 -8.81 17.44
C SER A 178 1.07 -9.36 17.19
N ILE A 179 1.49 -9.39 15.92
CA ILE A 179 2.78 -9.99 15.58
C ILE A 179 3.83 -8.91 15.75
N ALA A 180 3.56 -7.72 15.22
CA ALA A 180 4.51 -6.63 15.24
C ALA A 180 3.82 -5.34 14.83
N ILE A 181 4.40 -4.22 15.22
CA ILE A 181 3.88 -2.91 14.87
C ILE A 181 4.79 -2.32 13.78
N PRO A 182 4.19 -1.78 12.70
CA PRO A 182 4.99 -1.26 11.60
C PRO A 182 5.30 0.20 11.85
N LYS A 183 6.43 0.70 11.36
CA LYS A 183 6.68 2.15 11.52
C LYS A 183 5.66 2.94 10.74
N VAL A 184 5.48 2.55 9.48
CA VAL A 184 4.62 3.27 8.54
C VAL A 184 3.61 2.35 7.88
N ILE A 185 2.40 2.87 7.71
CA ILE A 185 1.41 2.22 6.86
C ILE A 185 1.04 3.15 5.70
N HIS A 186 1.34 2.70 4.48
CA HIS A 186 1.01 3.42 3.26
C HIS A 186 -0.26 2.90 2.67
N SER A 187 -1.18 3.81 2.36
CA SER A 187 -2.40 3.43 1.70
C SER A 187 -2.76 4.44 0.65
N ASP A 188 -3.73 4.11 -0.19
CA ASP A 188 -4.31 5.09 -1.09
C ASP A 188 -5.35 5.88 -0.31
N GLN A 189 -6.05 6.79 -0.99
CA GLN A 189 -7.02 7.64 -0.30
C GLN A 189 -8.43 7.10 -0.21
N GLY A 190 -8.60 5.78 -0.15
CA GLY A 190 -9.93 5.19 0.03
C GLY A 190 -10.65 5.68 1.28
N ALA A 191 -11.97 5.65 1.27
CA ALA A 191 -12.76 6.09 2.44
C ALA A 191 -12.28 5.43 3.76
N ALA A 192 -11.96 4.14 3.70
CA ALA A 192 -11.56 3.39 4.89
C ALA A 192 -10.26 3.86 5.53
N PHE A 193 -9.39 4.54 4.79
CA PHE A 193 -8.08 4.86 5.33
C PHE A 193 -7.91 6.30 5.78
N THR A 194 -8.82 7.15 5.31
CA THR A 194 -8.66 8.60 5.42
C THR A 194 -9.53 9.10 6.55
N SER A 195 -10.41 8.25 7.08
CA SER A 195 -11.28 8.59 8.21
C SER A 195 -10.48 8.99 9.45
N SER A 196 -11.10 9.82 10.29
CA SER A 196 -10.46 10.28 11.52
C SER A 196 -10.30 9.14 12.51
N THR A 197 -11.26 8.21 12.51
CA THR A 197 -11.14 7.01 13.35
C THR A 197 -9.86 6.22 13.06
N PHE A 198 -9.54 6.06 11.79
CA PHE A 198 -8.38 5.26 11.45
C PHE A 198 -7.10 6.03 11.81
N ALA A 199 -7.16 7.35 11.70
CA ALA A 199 -6.02 8.20 12.05
C ALA A 199 -5.66 8.01 13.53
N GLU A 200 -6.71 7.95 14.36
CA GLU A 200 -6.61 7.81 15.82
C GLU A 200 -6.05 6.46 16.13
N TRP A 201 -6.60 5.46 15.45
CA TRP A 201 -6.21 4.10 15.68
C TRP A 201 -4.71 3.99 15.50
N ALA A 202 -4.16 4.70 14.52
CA ALA A 202 -2.72 4.65 14.22
C ALA A 202 -1.85 5.52 15.12
N LYS A 203 -2.37 6.67 15.54
CA LYS A 203 -1.65 7.54 16.48
C LYS A 203 -1.50 6.81 17.83
N GLU A 204 -2.62 6.32 18.37
CA GLU A 204 -2.65 5.39 19.47
C GLU A 204 -1.51 4.39 19.45
N ARG A 205 -0.95 4.04 18.29
CA ARG A 205 0.13 3.03 18.26
C ARG A 205 1.46 3.51 17.73
N GLY A 206 1.58 4.82 17.50
CA GLY A 206 2.84 5.37 17.03
C GLY A 206 3.13 4.91 15.63
N ILE A 207 2.09 4.53 14.89
CA ILE A 207 2.19 4.17 13.46
C ILE A 207 1.95 5.41 12.62
N HIS A 208 2.87 5.72 11.72
CA HIS A 208 2.69 6.87 10.83
C HIS A 208 1.88 6.47 9.60
N LEU A 209 0.84 7.24 9.28
CA LEU A 209 0.03 7.04 8.07
C LEU A 209 0.54 7.87 6.89
N GLU A 210 0.73 7.19 5.76
CA GLU A 210 1.30 7.77 4.56
C GLU A 210 0.30 7.51 3.44
N PHE A 211 -0.05 8.58 2.73
CA PHE A 211 -1.05 8.49 1.65
C PHE A 211 -0.54 8.67 0.23
N SER A 212 -1.08 7.88 -0.70
CA SER A 212 -0.81 8.07 -2.11
C SER A 212 -1.42 9.40 -2.50
N THR A 213 -0.83 10.04 -3.51
CA THR A 213 -1.47 11.17 -4.19
C THR A 213 -2.82 10.66 -4.70
N PRO A 214 -3.80 11.55 -4.94
CA PRO A 214 -5.13 11.01 -5.26
C PRO A 214 -5.24 10.44 -6.68
N TYR A 215 -6.11 9.45 -6.86
CA TYR A 215 -6.30 8.77 -8.18
C TYR A 215 -4.98 8.39 -8.87
N HIS A 216 -4.17 7.61 -8.16
CA HIS A 216 -2.89 7.20 -8.67
C HIS A 216 -2.45 5.90 -8.06
N PRO A 217 -3.16 4.80 -8.41
CA PRO A 217 -2.88 3.48 -7.78
C PRO A 217 -1.43 2.98 -7.95
N GLN A 218 -0.74 3.40 -9.00
CA GLN A 218 0.68 3.06 -9.14
C GLN A 218 1.47 3.34 -7.85
N SER A 219 1.04 4.36 -7.11
CA SER A 219 1.67 4.78 -5.86
C SER A 219 1.53 3.74 -4.77
N SER A 220 0.44 2.96 -4.80
CA SER A 220 0.36 1.73 -4.03
C SER A 220 0.82 0.49 -4.83
N GLY A 221 1.61 0.71 -5.88
CA GLY A 221 2.19 -0.39 -6.69
C GLY A 221 2.56 -1.71 -5.98
N LYS A 222 3.26 -1.62 -4.85
CA LYS A 222 3.63 -2.79 -4.04
C LYS A 222 2.44 -3.68 -3.76
N VAL A 223 1.36 -3.12 -3.23
CA VAL A 223 0.22 -3.94 -2.87
C VAL A 223 -0.67 -4.24 -4.10
N GLU A 224 -0.79 -3.27 -5.01
CA GLU A 224 -1.64 -3.48 -6.20
C GLU A 224 -1.14 -4.67 -6.95
N ARG A 225 0.20 -4.74 -7.07
CA ARG A 225 0.81 -5.84 -7.81
C ARG A 225 0.54 -7.17 -7.14
N LYS A 226 0.45 -7.16 -5.83
CA LYS A 226 0.19 -8.39 -5.13
C LYS A 226 -1.27 -8.79 -5.32
N ASN A 227 -2.14 -7.78 -5.42
CA ASN A 227 -3.55 -8.01 -5.74
C ASN A 227 -3.67 -8.83 -7.02
N SER A 228 -2.91 -8.48 -8.04
CA SER A 228 -2.90 -9.24 -9.26
C SER A 228 -2.58 -10.71 -8.95
N ASP A 229 -1.48 -10.98 -8.28
CA ASP A 229 -1.17 -12.38 -8.01
C ASP A 229 -2.28 -13.09 -7.26
N ILE A 230 -2.97 -12.35 -6.38
CA ILE A 230 -3.95 -12.95 -5.50
C ILE A 230 -5.15 -13.36 -6.35
N LYS A 231 -5.63 -12.46 -7.20
CA LYS A 231 -6.77 -12.73 -8.06
C LYS A 231 -6.43 -13.86 -9.05
N ARG A 232 -5.21 -13.83 -9.56
CA ARG A 232 -4.76 -14.79 -10.55
C ARG A 232 -4.73 -16.21 -9.96
N LEU A 233 -4.24 -16.36 -8.74
CA LEU A 233 -4.21 -17.69 -8.11
C LEU A 233 -5.62 -18.13 -7.71
N LEU A 234 -6.42 -17.18 -7.22
CA LEU A 234 -7.82 -17.46 -6.89
C LEU A 234 -8.62 -17.93 -8.10
N THR A 235 -8.38 -17.32 -9.24
CA THR A 235 -9.07 -17.69 -10.46
C THR A 235 -8.72 -19.13 -10.86
N LYS A 236 -7.43 -19.47 -10.85
CA LYS A 236 -6.96 -20.80 -11.26
C LYS A 236 -7.56 -21.87 -10.35
N LEU A 237 -7.63 -21.58 -9.06
CA LEU A 237 -8.11 -22.57 -8.11
C LEU A 237 -9.60 -22.75 -8.25
N LEU A 238 -10.27 -21.73 -8.76
CA LEU A 238 -11.71 -21.77 -8.88
C LEU A 238 -12.21 -22.26 -10.26
N VAL A 239 -11.31 -22.52 -11.19
CA VAL A 239 -11.69 -22.95 -12.54
C VAL A 239 -12.68 -24.09 -12.45
N GLY A 240 -13.74 -24.01 -13.24
CA GLY A 240 -14.77 -25.02 -13.22
C GLY A 240 -15.44 -25.32 -11.88
N ARG A 241 -15.27 -24.47 -10.88
CA ARG A 241 -16.03 -24.59 -9.62
C ARG A 241 -16.75 -23.30 -9.40
N PRO A 242 -17.80 -23.32 -8.57
CA PRO A 242 -18.38 -22.03 -8.17
C PRO A 242 -17.40 -21.18 -7.35
N THR A 243 -17.47 -19.88 -7.52
CA THR A 243 -16.50 -18.95 -6.94
C THR A 243 -16.60 -18.81 -5.42
N LYS A 244 -16.38 -19.92 -4.72
CA LYS A 244 -16.35 -19.98 -3.27
C LYS A 244 -14.92 -19.68 -2.74
N TRP A 245 -14.57 -18.39 -2.72
CA TRP A 245 -13.21 -17.95 -2.41
C TRP A 245 -12.84 -17.81 -0.95
N TYR A 246 -13.81 -17.53 -0.08
CA TYR A 246 -13.53 -17.34 1.34
C TYR A 246 -12.59 -18.38 1.97
N ASP A 247 -12.82 -19.63 1.64
CA ASP A 247 -12.03 -20.70 2.20
C ASP A 247 -10.67 -20.81 1.57
N LEU A 248 -10.43 -20.07 0.49
CA LEU A 248 -9.15 -20.21 -0.14
C LEU A 248 -8.16 -19.14 0.30
N LEU A 249 -8.63 -18.04 0.89
CA LEU A 249 -7.71 -16.98 1.35
C LEU A 249 -6.50 -17.53 2.08
N PRO A 250 -6.72 -18.36 3.13
CA PRO A 250 -5.59 -18.94 3.86
C PRO A 250 -4.63 -19.67 2.91
N VAL A 251 -5.18 -20.47 2.00
CA VAL A 251 -4.35 -21.25 1.08
C VAL A 251 -3.56 -20.31 0.20
N VAL A 252 -4.24 -19.30 -0.35
CA VAL A 252 -3.58 -18.38 -1.25
C VAL A 252 -2.49 -17.60 -0.53
N GLN A 253 -2.81 -17.10 0.66
CA GLN A 253 -1.84 -16.40 1.51
C GLN A 253 -0.56 -17.21 1.66
N LEU A 254 -0.72 -18.44 2.12
CA LEU A 254 0.44 -19.25 2.38
C LEU A 254 1.14 -19.55 1.06
N ALA A 255 0.35 -19.83 0.00
CA ALA A 255 0.95 -20.24 -1.26
C ALA A 255 1.84 -19.12 -1.78
N LEU A 256 1.32 -17.89 -1.73
CA LEU A 256 2.07 -16.76 -2.26
C LEU A 256 3.27 -16.37 -1.36
N ASN A 257 3.12 -16.49 -0.05
CA ASN A 257 4.18 -16.06 0.83
C ASN A 257 5.38 -16.96 0.64
N ASN A 258 5.14 -18.16 0.09
CA ASN A 258 6.20 -19.13 -0.11
C ASN A 258 6.61 -19.34 -1.57
N THR A 259 6.24 -18.38 -2.43
CA THR A 259 6.59 -18.42 -3.85
C THR A 259 7.84 -17.60 -4.17
N TYR A 260 8.72 -18.18 -5.00
CA TYR A 260 9.96 -17.50 -5.33
C TYR A 260 9.73 -16.33 -6.24
N SER A 261 10.43 -15.23 -6.02
CA SER A 261 10.53 -14.22 -7.05
C SER A 261 11.76 -14.52 -7.85
N PRO A 262 11.61 -14.93 -9.14
CA PRO A 262 12.76 -15.26 -9.99
C PRO A 262 13.91 -14.22 -9.98
N VAL A 263 13.59 -12.93 -9.88
CA VAL A 263 14.65 -11.92 -9.94
C VAL A 263 15.44 -11.86 -8.63
N LEU A 264 14.75 -12.12 -7.52
CA LEU A 264 15.37 -12.07 -6.20
C LEU A 264 15.98 -13.40 -5.81
N LYS A 265 15.38 -14.50 -6.25
CA LYS A 265 15.77 -15.87 -5.81
C LYS A 265 15.43 -16.13 -4.36
N TYR A 266 14.38 -15.49 -3.85
CA TYR A 266 13.92 -15.69 -2.51
C TYR A 266 12.41 -15.57 -2.46
N THR A 267 11.78 -16.26 -1.51
CA THR A 267 10.36 -16.14 -1.34
C THR A 267 10.16 -15.11 -0.24
N PRO A 268 8.98 -14.51 -0.16
CA PRO A 268 8.76 -13.53 0.89
C PRO A 268 8.95 -14.13 2.29
N HIS A 269 8.62 -15.41 2.45
CA HIS A 269 8.74 -16.02 3.76
C HIS A 269 10.20 -16.05 4.20
N GLN A 270 11.08 -16.44 3.27
CA GLN A 270 12.51 -16.41 3.50
C GLN A 270 13.02 -15.00 3.79
N LEU A 271 12.52 -14.00 3.11
CA LEU A 271 13.00 -12.66 3.41
C LEU A 271 12.55 -12.21 4.79
N LEU A 272 11.49 -12.80 5.29
CA LEU A 272 10.97 -12.39 6.58
C LEU A 272 11.61 -13.17 7.74
N PHE A 273 11.88 -14.46 7.55
CA PHE A 273 12.31 -15.35 8.64
C PHE A 273 13.72 -15.92 8.42
N GLY A 274 14.22 -15.85 7.19
CA GLY A 274 15.54 -16.38 6.89
C GLY A 274 15.62 -17.89 6.93
N ILE A 275 14.49 -18.57 7.14
CA ILE A 275 14.43 -20.03 7.04
C ILE A 275 13.00 -20.52 6.69
N ASP A 276 12.87 -21.50 5.79
CA ASP A 276 11.55 -22.03 5.43
C ASP A 276 10.90 -22.76 6.61
N SER A 277 9.57 -22.75 6.70
CA SER A 277 8.89 -23.58 7.67
C SER A 277 8.54 -24.94 7.06
N ASN A 278 7.75 -25.74 7.74
CA ASN A 278 7.40 -27.06 7.25
C ASN A 278 6.40 -27.00 6.07
N THR A 279 6.83 -26.41 4.96
CA THR A 279 5.96 -26.36 3.79
C THR A 279 6.64 -27.19 2.72
N PRO A 280 5.94 -27.50 1.63
CA PRO A 280 6.56 -28.39 0.67
C PRO A 280 7.80 -27.79 0.00
N PHE A 281 8.78 -28.62 -0.28
CA PHE A 281 10.02 -28.19 -0.92
C PHE A 281 10.77 -27.13 -0.14
N ALA A 282 10.77 -27.25 1.19
CA ALA A 282 11.50 -26.31 2.02
C ALA A 282 12.98 -26.30 1.66
N ASN A 283 13.58 -25.12 1.59
CA ASN A 283 15.00 -25.03 1.32
C ASN A 283 15.76 -25.40 2.58
N GLN A 284 16.84 -26.16 2.44
CA GLN A 284 17.55 -26.73 3.60
C GLN A 284 19.00 -26.34 3.68
N ASP A 285 19.40 -25.39 2.85
CA ASP A 285 20.77 -24.92 2.81
C ASP A 285 21.37 -24.39 4.12
N THR A 286 20.58 -23.97 5.09
CA THR A 286 21.18 -23.48 6.32
C THR A 286 21.01 -24.45 7.49
N LEU A 287 20.85 -25.73 7.15
CA LEU A 287 20.59 -26.75 8.15
C LEU A 287 21.71 -26.84 9.18
N ASP A 288 22.92 -26.48 8.76
CA ASP A 288 24.10 -26.59 9.60
C ASP A 288 24.54 -25.30 10.26
N LEU A 289 23.84 -24.19 10.00
CA LEU A 289 24.23 -22.93 10.62
C LEU A 289 23.48 -22.83 11.91
N THR A 290 24.04 -22.10 12.87
CA THR A 290 23.27 -21.77 14.06
C THR A 290 22.24 -20.72 13.65
N ARG A 291 21.23 -20.52 14.49
CA ARG A 291 20.24 -19.54 14.13
C ARG A 291 20.94 -18.21 13.93
N GLU A 292 21.94 -17.94 14.76
CA GLU A 292 22.62 -16.67 14.70
C GLU A 292 23.42 -16.55 13.41
N GLU A 293 24.15 -17.59 13.03
CA GLU A 293 24.81 -17.57 11.73
C GLU A 293 23.79 -17.30 10.61
N GLU A 294 22.67 -18.02 10.67
CA GLU A 294 21.55 -17.85 9.74
C GLU A 294 21.06 -16.41 9.65
N LEU A 295 20.85 -15.78 10.81
CA LEU A 295 20.34 -14.41 10.87
C LEU A 295 21.29 -13.40 10.29
N SER A 296 22.58 -13.68 10.26
CA SER A 296 23.43 -12.64 9.74
C SER A 296 23.65 -12.86 8.26
N LEU A 297 23.50 -14.10 7.82
CA LEU A 297 23.32 -14.37 6.39
C LEU A 297 22.02 -13.71 5.85
N LEU A 298 20.96 -13.69 6.65
CA LEU A 298 19.74 -13.04 6.23
C LEU A 298 19.92 -11.53 6.16
N GLN A 299 20.67 -10.96 7.11
CA GLN A 299 20.93 -9.52 7.07
C GLN A 299 21.69 -9.15 5.82
N GLU A 300 22.64 -9.99 5.45
CA GLU A 300 23.38 -9.82 4.22
C GLU A 300 22.48 -9.92 2.98
N ILE A 301 21.64 -10.96 2.92
CA ILE A 301 20.76 -11.19 1.79
C ILE A 301 19.81 -10.00 1.61
N ARG A 302 19.35 -9.46 2.73
CA ARG A 302 18.38 -8.37 2.68
C ARG A 302 18.93 -7.10 2.07
N THR A 303 20.21 -6.83 2.30
CA THR A 303 20.79 -5.57 1.84
C THR A 303 21.21 -5.63 0.39
N SER A 304 21.47 -6.83 -0.11
CA SER A 304 21.97 -6.98 -1.46
C SER A 304 20.92 -7.33 -2.53
N LEU A 305 19.64 -7.08 -2.26
CA LEU A 305 18.59 -7.44 -3.23
C LEU A 305 18.61 -6.51 -4.46
N TYR A 306 18.35 -7.08 -5.63
CA TYR A 306 18.23 -6.31 -6.87
C TYR A 306 17.31 -5.11 -6.75
N HIS A 307 17.81 -3.92 -7.04
CA HIS A 307 16.90 -2.79 -7.10
C HIS A 307 16.87 -2.12 -8.45
N PRO A 308 15.67 -1.97 -9.02
CA PRO A 308 15.55 -1.44 -10.39
C PRO A 308 15.89 0.04 -10.47
N SER A 309 16.11 0.56 -11.67
CA SER A 309 16.33 2.01 -11.79
C SER A 309 15.36 2.75 -12.71
N THR A 310 15.06 3.99 -12.35
CA THR A 310 14.41 4.97 -13.20
C THR A 310 14.69 4.69 -14.72
N PRO A 311 13.64 4.40 -15.50
CA PRO A 311 13.81 4.10 -16.92
C PRO A 311 14.08 5.36 -17.76
N PRO A 312 14.47 5.20 -19.03
CA PRO A 312 14.70 6.41 -19.85
C PRO A 312 13.43 7.24 -20.01
N ALA A 313 13.55 8.58 -19.93
CA ALA A 313 12.42 9.48 -20.25
C ALA A 313 11.94 9.21 -21.68
N SER A 314 10.65 9.41 -21.97
CA SER A 314 10.21 9.26 -23.34
C SER A 314 10.65 10.52 -24.10
N SER A 315 10.69 10.46 -25.43
CA SER A 315 11.29 11.61 -26.18
C SER A 315 10.48 12.90 -26.05
N ARG A 316 9.30 12.87 -25.43
CA ARG A 316 8.52 14.07 -25.29
C ARG A 316 7.80 14.22 -23.96
N SER A 317 8.56 14.03 -22.88
CA SER A 317 7.99 14.16 -21.53
C SER A 317 8.17 15.58 -21.04
N TRP A 318 7.49 15.93 -19.97
CA TRP A 318 7.71 17.21 -19.34
C TRP A 318 7.96 16.97 -17.88
N SER A 319 8.66 17.91 -17.26
CA SER A 319 8.89 17.85 -15.82
C SER A 319 8.56 19.19 -15.24
N PRO A 320 7.84 19.17 -14.10
CA PRO A 320 7.30 20.35 -13.46
C PRO A 320 8.40 21.27 -12.91
N VAL A 321 8.17 22.56 -13.09
CA VAL A 321 9.04 23.62 -12.63
C VAL A 321 8.20 24.49 -11.70
N VAL A 322 8.81 24.98 -10.63
CA VAL A 322 8.10 25.80 -9.64
C VAL A 322 7.53 27.02 -10.35
N GLY A 323 6.27 27.35 -10.07
CA GLY A 323 5.58 28.50 -10.72
C GLY A 323 4.94 28.29 -12.09
N GLN A 324 5.13 27.12 -12.69
CA GLN A 324 4.49 26.72 -13.95
C GLN A 324 2.96 26.62 -13.87
N LEU A 325 2.29 27.03 -14.94
CA LEU A 325 0.86 26.76 -15.09
C LEU A 325 0.59 25.31 -15.50
N VAL A 326 -0.22 24.60 -14.73
CA VAL A 326 -0.46 23.19 -15.00
C VAL A 326 -1.92 22.91 -14.70
N GLN A 327 -2.47 21.83 -15.24
CA GLN A 327 -3.88 21.53 -14.96
C GLN A 327 -4.06 20.11 -14.49
N GLU A 328 -4.87 19.99 -13.45
CA GLU A 328 -5.18 18.72 -12.82
C GLU A 328 -6.31 18.10 -13.58
N ARG A 329 -6.20 16.80 -13.77
CA ARG A 329 -7.21 16.01 -14.45
C ARG A 329 -8.46 15.97 -13.61
N VAL A 330 -9.63 16.25 -14.21
CA VAL A 330 -10.90 16.04 -13.48
C VAL A 330 -11.05 14.54 -13.10
N ALA A 331 -11.39 14.24 -11.86
CA ALA A 331 -11.43 12.85 -11.38
C ALA A 331 -12.49 11.94 -12.05
N ARG A 332 -13.76 12.29 -11.88
CA ARG A 332 -14.81 11.47 -12.48
C ARG A 332 -15.67 12.39 -13.36
N PRO A 333 -15.18 12.70 -14.58
CA PRO A 333 -15.81 13.78 -15.35
C PRO A 333 -17.10 13.29 -15.96
N ALA A 334 -18.15 14.08 -15.75
CA ALA A 334 -19.47 13.80 -16.32
C ALA A 334 -19.43 13.68 -17.87
N SER A 335 -20.46 13.07 -18.40
CA SER A 335 -20.59 12.96 -19.83
C SER A 335 -20.58 14.37 -20.48
N LEU A 336 -19.77 14.54 -21.52
CA LEU A 336 -19.72 15.81 -22.27
C LEU A 336 -19.18 16.99 -21.49
N ARG A 337 -18.38 16.73 -20.45
CA ARG A 337 -17.78 17.77 -19.62
C ARG A 337 -16.24 17.70 -19.72
N PRO A 338 -15.56 18.81 -19.46
CA PRO A 338 -14.10 18.82 -19.65
C PRO A 338 -13.38 17.79 -18.76
N ARG A 339 -12.28 17.27 -19.27
CA ARG A 339 -11.50 16.25 -18.61
C ARG A 339 -10.43 16.95 -17.74
N TRP A 340 -10.26 18.27 -17.94
CA TRP A 340 -9.28 19.06 -17.15
C TRP A 340 -9.84 20.18 -16.31
N HIS A 341 -9.20 20.47 -15.18
CA HIS A 341 -9.51 21.65 -14.36
C HIS A 341 -8.84 22.91 -14.91
N LYS A 342 -9.24 24.06 -14.39
CA LYS A 342 -8.67 25.35 -14.81
C LYS A 342 -7.21 25.38 -14.49
N PRO A 343 -6.46 26.24 -15.18
CA PRO A 343 -5.02 26.24 -14.87
C PRO A 343 -4.73 26.55 -13.38
N SER A 344 -3.64 26.02 -12.86
CA SER A 344 -3.20 26.29 -11.50
C SER A 344 -1.67 26.28 -11.45
N THR A 345 -1.08 26.67 -10.32
CA THR A 345 0.37 26.96 -10.29
C THR A 345 1.10 25.97 -9.41
N VAL A 346 2.26 25.54 -9.87
CA VAL A 346 3.13 24.66 -9.10
C VAL A 346 3.77 25.47 -7.97
N LEU A 347 3.33 25.22 -6.74
CA LEU A 347 3.98 25.79 -5.53
C LEU A 347 5.31 25.13 -5.25
N LYS A 348 5.31 23.81 -5.08
CA LYS A 348 6.52 23.13 -4.70
C LYS A 348 6.70 21.87 -5.54
N VAL A 349 7.92 21.62 -5.99
CA VAL A 349 8.28 20.34 -6.63
C VAL A 349 8.79 19.36 -5.54
N LEU A 350 7.90 18.57 -4.96
CA LEU A 350 8.27 17.53 -4.00
C LEU A 350 9.30 16.53 -4.48
N ASN A 351 9.18 16.08 -5.73
CA ASN A 351 10.21 15.26 -6.41
C ASN A 351 9.82 15.37 -7.87
N PRO A 352 10.56 14.74 -8.79
CA PRO A 352 10.23 15.07 -10.18
C PRO A 352 8.91 14.45 -10.68
N ARG A 353 8.20 13.70 -9.84
CA ARG A 353 6.93 13.05 -10.23
C ARG A 353 5.81 13.48 -9.29
N THR A 354 6.14 14.37 -8.35
CA THR A 354 5.18 14.79 -7.35
C THR A 354 5.24 16.29 -7.08
N VAL A 355 4.07 16.95 -7.07
CA VAL A 355 4.03 18.40 -6.86
C VAL A 355 2.95 18.85 -5.91
N VAL A 356 3.18 20.02 -5.32
CA VAL A 356 2.12 20.76 -4.64
C VAL A 356 1.70 21.91 -5.55
N ILE A 357 0.39 22.02 -5.69
CA ILE A 357 -0.20 23.03 -6.54
C ILE A 357 -1.24 23.84 -5.75
N LEU A 358 -1.38 25.11 -6.17
CA LEU A 358 -2.45 25.96 -5.67
C LEU A 358 -3.72 25.83 -6.53
N ASP A 359 -4.63 24.99 -6.02
CA ASP A 359 -5.65 24.34 -6.84
C ASP A 359 -6.81 25.19 -7.33
N HIS A 360 -7.82 24.48 -7.85
CA HIS A 360 -8.96 25.05 -8.59
C HIS A 360 -9.93 25.83 -7.74
N LEU A 361 -9.95 25.54 -6.43
CA LEU A 361 -10.61 26.39 -5.42
C LEU A 361 -9.60 27.45 -4.92
N GLY A 362 -8.91 27.15 -3.82
CA GLY A 362 -7.80 27.93 -3.32
C GLY A 362 -6.94 27.09 -2.39
N ASN A 363 -7.19 25.78 -2.35
CA ASN A 363 -6.41 24.85 -1.53
C ASN A 363 -5.05 24.44 -2.11
N ASN A 364 -4.20 23.96 -1.22
CA ASN A 364 -2.97 23.28 -1.58
C ASN A 364 -3.36 21.83 -1.83
N ARG A 365 -2.80 21.23 -2.89
CA ARG A 365 -3.03 19.81 -3.17
C ARG A 365 -1.73 19.18 -3.55
N THR A 366 -1.43 18.03 -2.94
CA THR A 366 -0.30 17.24 -3.40
C THR A 366 -0.81 16.23 -4.41
N VAL A 367 -0.19 16.23 -5.58
CA VAL A 367 -0.77 15.65 -6.75
C VAL A 367 0.32 14.95 -7.55
N SER A 368 -0.04 13.85 -8.20
CA SER A 368 0.91 13.15 -9.09
C SER A 368 1.02 13.86 -10.44
N ILE A 369 2.23 13.89 -10.98
CA ILE A 369 2.49 14.49 -12.28
C ILE A 369 1.61 13.80 -13.38
N ASP A 370 1.24 12.53 -13.15
CA ASP A 370 0.38 11.75 -14.06
C ASP A 370 -1.03 12.30 -14.09
N ASN A 371 -1.42 13.04 -13.07
CA ASN A 371 -2.72 13.68 -13.10
C ASN A 371 -2.60 15.13 -13.49
N LEU A 372 -1.52 15.50 -14.16
CA LEU A 372 -1.36 16.88 -14.61
C LEU A 372 -0.99 16.99 -16.07
N LYS A 373 -1.43 18.08 -16.72
CA LYS A 373 -0.80 18.52 -17.95
C LYS A 373 -0.21 19.94 -17.80
N PRO A 374 0.86 20.23 -18.52
CA PRO A 374 1.30 21.62 -18.56
C PRO A 374 0.36 22.41 -19.42
N THR A 375 -0.12 23.54 -18.92
CA THR A 375 -0.97 24.44 -19.70
C THR A 375 -0.27 24.92 -20.97
N SER A 376 -0.96 24.76 -22.10
CA SER A 376 -0.40 25.02 -23.42
C SER A 376 -0.31 26.49 -23.76
N HIS A 377 0.71 26.84 -24.56
CA HIS A 377 0.90 28.24 -24.97
C HIS A 377 1.31 29.14 -23.83
N GLN A 378 1.62 28.55 -22.65
CA GLN A 378 2.16 29.24 -21.45
C GLN A 378 1.17 29.77 -20.39
N ASP B 119 24.48 -33.76 15.33
CA ASP B 119 23.07 -33.27 15.33
C ASP B 119 22.95 -31.76 15.05
N ARG B 120 21.93 -31.38 14.27
CA ARG B 120 21.80 -30.03 13.72
C ARG B 120 21.17 -29.01 14.70
N PRO B 121 21.64 -27.73 14.67
CA PRO B 121 21.15 -26.70 15.60
C PRO B 121 19.64 -26.46 15.54
N GLN B 122 19.11 -25.95 16.63
CA GLN B 122 17.68 -25.72 16.77
C GLN B 122 17.19 -24.50 15.94
N LYS B 123 16.06 -24.64 15.25
CA LYS B 123 15.55 -23.55 14.44
C LYS B 123 14.11 -23.16 14.82
N PRO B 124 13.67 -21.95 14.43
CA PRO B 124 12.27 -21.55 14.56
C PRO B 124 11.46 -22.47 13.67
N PHE B 125 10.23 -22.79 14.08
CA PHE B 125 9.34 -23.76 13.38
C PHE B 125 9.71 -25.21 13.58
N ASP B 126 10.81 -25.50 14.30
CA ASP B 126 11.15 -26.91 14.61
C ASP B 126 10.08 -27.56 15.49
N LYS B 127 9.52 -26.79 16.41
CA LYS B 127 8.61 -27.33 17.38
C LYS B 127 7.72 -26.22 17.93
N PHE B 128 6.40 -26.40 17.84
CA PHE B 128 5.46 -25.48 18.51
C PHE B 128 4.90 -26.19 19.72
N PHE B 129 4.81 -25.48 20.83
CA PHE B 129 4.30 -26.05 22.04
C PHE B 129 2.97 -25.38 22.20
N ILE B 130 1.93 -26.19 22.34
CA ILE B 130 0.58 -25.65 22.45
C ILE B 130 -0.13 -26.05 23.75
N ASP B 131 -1.00 -25.16 24.24
CA ASP B 131 -1.76 -25.47 25.42
C ASP B 131 -2.95 -24.59 25.61
N TYR B 132 -3.94 -25.08 26.35
CA TYR B 132 -5.09 -24.25 26.71
C TYR B 132 -4.94 -23.65 28.09
N ILE B 133 -5.36 -22.40 28.21
CA ILE B 133 -5.54 -21.71 29.48
C ILE B 133 -7.03 -21.31 29.58
N GLY B 134 -7.67 -21.68 30.70
CA GLY B 134 -9.08 -21.37 30.97
C GLY B 134 -9.79 -22.44 31.77
N PRO B 135 -11.09 -22.26 32.01
CA PRO B 135 -11.95 -21.16 31.54
C PRO B 135 -11.59 -19.87 32.22
N LEU B 136 -11.85 -18.77 31.54
CA LEU B 136 -11.70 -17.44 32.10
C LEU B 136 -13.04 -16.75 32.11
N PRO B 137 -13.16 -15.62 32.80
CA PRO B 137 -14.40 -14.89 32.68
C PRO B 137 -14.68 -14.63 31.21
N PRO B 138 -15.94 -14.72 30.78
CA PRO B 138 -16.27 -14.45 29.39
C PRO B 138 -15.82 -13.07 28.96
N SER B 139 -15.13 -12.97 27.83
CA SER B 139 -14.82 -11.67 27.23
C SER B 139 -15.20 -11.70 25.76
N GLN B 140 -16.03 -10.76 25.33
CA GLN B 140 -16.62 -10.76 23.98
C GLN B 140 -17.08 -12.16 23.52
N GLY B 141 -17.53 -12.99 24.47
CA GLY B 141 -18.04 -14.31 24.14
C GLY B 141 -17.03 -15.42 24.25
N TYR B 142 -15.77 -15.09 24.54
CA TYR B 142 -14.71 -16.09 24.57
C TYR B 142 -14.32 -16.52 25.97
N LEU B 143 -13.89 -17.78 26.10
CA LEU B 143 -13.61 -18.37 27.41
C LEU B 143 -12.18 -18.87 27.65
N TYR B 144 -11.46 -19.20 26.58
CA TYR B 144 -10.14 -19.83 26.69
C TYR B 144 -9.12 -19.14 25.82
N VAL B 145 -7.86 -19.56 25.98
CA VAL B 145 -6.77 -19.04 25.17
C VAL B 145 -5.95 -20.22 24.76
N LEU B 146 -5.81 -20.40 23.46
CA LEU B 146 -4.88 -21.39 22.98
C LEU B 146 -3.54 -20.70 22.92
N VAL B 147 -2.53 -21.34 23.50
CA VAL B 147 -1.19 -20.77 23.63
C VAL B 147 -0.24 -21.55 22.77
N VAL B 148 0.47 -20.85 21.87
CA VAL B 148 1.46 -21.49 21.00
C VAL B 148 2.75 -20.74 21.19
N VAL B 149 3.80 -21.49 21.46
CA VAL B 149 5.09 -20.92 21.72
C VAL B 149 6.06 -21.71 20.88
N ASP B 150 6.85 -20.96 20.09
CA ASP B 150 7.89 -21.57 19.30
C ASP B 150 9.07 -21.94 20.20
N GLY B 151 9.52 -23.18 20.07
CA GLY B 151 10.51 -23.77 20.98
C GLY B 151 11.87 -23.09 20.88
N MET B 152 12.40 -22.98 19.68
CA MET B 152 13.66 -22.26 19.48
C MET B 152 13.61 -20.79 19.93
N THR B 153 12.58 -20.03 19.57
CA THR B 153 12.62 -18.57 19.77
C THR B 153 11.88 -18.06 21.01
N GLY B 154 10.92 -18.86 21.49
CA GLY B 154 10.02 -18.41 22.54
C GLY B 154 8.97 -17.41 22.07
N PHE B 155 8.82 -17.27 20.74
CA PHE B 155 7.75 -16.43 20.19
C PHE B 155 6.41 -17.05 20.58
N THR B 156 5.50 -16.20 21.03
CA THR B 156 4.17 -16.62 21.47
C THR B 156 3.09 -16.10 20.55
N TRP B 157 2.17 -16.99 20.17
CA TRP B 157 0.89 -16.62 19.57
C TRP B 157 -0.21 -17.08 20.49
N LEU B 158 -1.24 -16.25 20.64
CA LEU B 158 -2.41 -16.49 21.45
C LEU B 158 -3.74 -16.45 20.63
N TYR B 159 -4.60 -17.43 20.79
CA TYR B 159 -5.91 -17.41 20.10
C TYR B 159 -7.00 -17.60 21.11
N PRO B 160 -7.98 -16.68 21.14
CA PRO B 160 -9.14 -16.82 22.03
C PRO B 160 -10.06 -17.90 21.45
N THR B 161 -10.62 -18.78 22.26
CA THR B 161 -11.61 -19.75 21.75
C THR B 161 -12.82 -19.84 22.68
N LYS B 162 -13.88 -20.52 22.23
CA LYS B 162 -15.08 -20.67 23.06
C LYS B 162 -15.05 -21.98 23.86
N ALA B 163 -14.10 -22.85 23.52
CA ALA B 163 -13.98 -24.17 24.16
C ALA B 163 -12.62 -24.80 23.88
N PRO B 164 -12.20 -25.74 24.73
CA PRO B 164 -10.97 -26.48 24.48
C PRO B 164 -11.21 -27.73 23.63
N SER B 165 -11.88 -27.53 22.51
CA SER B 165 -12.28 -28.61 21.61
C SER B 165 -11.31 -28.76 20.47
N THR B 166 -11.33 -29.92 19.82
CA THR B 166 -10.58 -30.12 18.59
C THR B 166 -10.97 -29.09 17.55
N SER B 167 -12.27 -28.86 17.45
CA SER B 167 -12.78 -27.91 16.50
C SER B 167 -12.16 -26.51 16.70
N ALA B 168 -12.20 -25.98 17.93
CA ALA B 168 -11.64 -24.65 18.19
C ALA B 168 -10.13 -24.61 17.96
N THR B 169 -9.46 -25.70 18.33
CA THR B 169 -8.04 -25.80 18.09
C THR B 169 -7.75 -25.68 16.59
N VAL B 170 -8.42 -26.52 15.80
CA VAL B 170 -8.25 -26.57 14.35
C VAL B 170 -8.50 -25.20 13.69
N LYS B 171 -9.59 -24.56 14.10
CA LYS B 171 -9.97 -23.28 13.53
C LYS B 171 -8.81 -22.29 13.79
N SER B 172 -8.32 -22.29 15.02
CA SER B 172 -7.25 -21.40 15.46
C SER B 172 -5.92 -21.72 14.85
N LEU B 173 -5.52 -22.99 14.88
CA LEU B 173 -4.26 -23.34 14.22
C LEU B 173 -4.26 -23.13 12.70
N ASN B 174 -5.44 -23.06 12.09
CA ASN B 174 -5.53 -22.86 10.66
C ASN B 174 -5.11 -21.46 10.31
N VAL B 175 -5.37 -20.54 11.23
CA VAL B 175 -4.91 -19.16 11.10
C VAL B 175 -3.40 -19.16 11.17
N LEU B 176 -2.84 -19.74 12.23
CA LEU B 176 -1.42 -19.71 12.41
C LEU B 176 -0.67 -20.46 11.30
N THR B 177 -1.22 -21.60 10.90
CA THR B 177 -0.50 -22.46 9.97
C THR B 177 -0.64 -21.93 8.54
N SER B 178 -1.34 -20.81 8.39
CA SER B 178 -1.39 -20.14 7.10
C SER B 178 -0.34 -19.03 7.08
N ILE B 179 0.35 -18.88 8.22
CA ILE B 179 1.53 -18.02 8.29
C ILE B 179 2.82 -18.86 8.31
N ALA B 180 2.85 -19.93 9.07
CA ALA B 180 4.04 -20.78 9.17
C ALA B 180 3.64 -22.12 9.74
N ILE B 181 4.32 -23.19 9.31
CA ILE B 181 3.92 -24.54 9.69
C ILE B 181 5.05 -25.21 10.47
N PRO B 182 4.75 -25.71 11.68
CA PRO B 182 5.81 -26.33 12.48
C PRO B 182 6.05 -27.75 12.00
N LYS B 183 7.29 -28.22 12.08
CA LYS B 183 7.57 -29.65 11.90
C LYS B 183 6.84 -30.50 12.95
N VAL B 184 6.83 -30.04 14.19
CA VAL B 184 6.28 -30.82 15.29
C VAL B 184 5.42 -29.93 16.14
N ILE B 185 4.27 -30.47 16.54
CA ILE B 185 3.49 -29.90 17.61
C ILE B 185 3.65 -30.77 18.86
N HIS B 186 3.95 -30.12 19.98
CA HIS B 186 4.03 -30.77 21.28
C HIS B 186 2.88 -30.33 22.13
N SER B 187 2.30 -31.27 22.89
CA SER B 187 1.20 -30.95 23.84
C SER B 187 1.10 -32.00 24.95
N ASP B 188 0.35 -31.66 26.00
CA ASP B 188 -0.14 -32.64 27.00
C ASP B 188 -1.21 -33.51 26.33
N GLN B 189 -1.76 -34.47 27.08
CA GLN B 189 -2.76 -35.39 26.53
C GLN B 189 -4.18 -34.88 26.67
N GLY B 190 -4.36 -33.56 26.60
CA GLY B 190 -5.67 -32.94 26.46
C GLY B 190 -6.55 -33.62 25.41
N ALA B 191 -7.86 -33.58 25.65
CA ALA B 191 -8.83 -34.23 24.79
C ALA B 191 -8.69 -33.69 23.36
N ALA B 192 -8.79 -32.37 23.22
CA ALA B 192 -8.68 -31.70 21.92
C ALA B 192 -7.50 -32.18 21.11
N PHE B 193 -6.38 -32.45 21.78
CA PHE B 193 -5.12 -32.77 21.08
C PHE B 193 -4.99 -34.25 20.78
N THR B 194 -5.63 -35.10 21.56
CA THR B 194 -5.46 -36.53 21.31
C THR B 194 -6.57 -37.13 20.44
N SER B 195 -7.59 -36.32 20.09
CA SER B 195 -8.68 -36.74 19.19
C SER B 195 -8.16 -37.24 17.84
N SER B 196 -8.90 -38.11 17.20
CA SER B 196 -8.41 -38.58 15.89
C SER B 196 -8.64 -37.54 14.74
N THR B 197 -9.62 -36.64 14.92
CA THR B 197 -9.73 -35.50 14.02
C THR B 197 -8.46 -34.65 14.06
N PHE B 198 -8.01 -34.29 15.26
CA PHE B 198 -6.78 -33.52 15.36
C PHE B 198 -5.61 -34.28 14.73
N ALA B 199 -5.55 -35.58 14.90
CA ALA B 199 -4.50 -36.33 14.22
C ALA B 199 -4.64 -36.26 12.69
N GLU B 200 -5.86 -36.45 12.18
CA GLU B 200 -6.09 -36.38 10.73
C GLU B 200 -5.63 -35.00 10.20
N TRP B 201 -5.99 -33.93 10.90
CA TRP B 201 -5.58 -32.56 10.58
C TRP B 201 -4.09 -32.41 10.46
N ALA B 202 -3.36 -32.90 11.45
CA ALA B 202 -1.93 -32.79 11.45
C ALA B 202 -1.28 -33.62 10.35
N LYS B 203 -1.79 -34.82 10.14
CA LYS B 203 -1.22 -35.69 9.11
C LYS B 203 -1.33 -35.01 7.76
N GLU B 204 -2.50 -34.38 7.52
CA GLU B 204 -2.77 -33.65 6.28
C GLU B 204 -1.72 -32.58 6.04
N ARG B 205 -1.19 -31.98 7.09
CA ARG B 205 -0.26 -30.89 6.91
C ARG B 205 1.18 -31.33 7.11
N GLY B 206 1.40 -32.64 7.17
CA GLY B 206 2.74 -33.21 7.39
C GLY B 206 3.34 -32.79 8.72
N ILE B 207 2.50 -32.51 9.72
CA ILE B 207 2.94 -32.13 11.08
C ILE B 207 2.99 -33.34 12.02
N HIS B 208 4.16 -33.67 12.55
CA HIS B 208 4.27 -34.76 13.52
C HIS B 208 3.72 -34.31 14.87
N LEU B 209 2.83 -35.11 15.46
CA LEU B 209 2.32 -34.84 16.82
C LEU B 209 3.13 -35.52 17.93
N GLU B 210 3.25 -34.81 19.06
CA GLU B 210 4.11 -35.24 20.17
C GLU B 210 3.54 -34.88 21.54
N PHE B 211 3.42 -35.91 22.35
CA PHE B 211 2.74 -35.87 23.63
C PHE B 211 3.66 -36.11 24.80
N SER B 212 3.49 -35.29 25.83
CA SER B 212 4.12 -35.58 27.11
C SER B 212 3.28 -36.66 27.78
N THR B 213 3.90 -37.55 28.55
CA THR B 213 3.17 -38.64 29.26
C THR B 213 2.20 -38.08 30.32
N PRO B 214 1.03 -38.73 30.52
CA PRO B 214 -0.01 -38.08 31.37
C PRO B 214 0.50 -37.78 32.77
N TYR B 215 0.14 -36.61 33.26
CA TYR B 215 0.53 -36.14 34.60
C TYR B 215 1.98 -35.66 34.71
N HIS B 216 2.84 -36.05 33.76
CA HIS B 216 4.25 -35.57 33.72
C HIS B 216 4.54 -34.59 32.56
N PRO B 217 4.04 -33.34 32.66
CA PRO B 217 4.22 -32.34 31.59
C PRO B 217 5.65 -31.83 31.46
N GLN B 218 6.30 -32.14 30.35
CA GLN B 218 7.63 -31.59 30.10
C GLN B 218 7.66 -30.80 28.80
N SER B 219 8.30 -29.64 28.83
CA SER B 219 8.50 -28.78 27.66
C SER B 219 10.00 -28.61 27.41
N SER B 220 10.49 -27.47 27.91
CA SER B 220 11.91 -27.08 27.93
C SER B 220 11.89 -25.90 28.88
N GLY B 221 13.02 -25.62 29.53
CA GLY B 221 13.10 -24.51 30.48
C GLY B 221 12.60 -23.20 29.91
N LYS B 222 13.12 -22.88 28.72
CA LYS B 222 12.74 -21.69 27.97
C LYS B 222 11.21 -21.59 27.83
N VAL B 223 10.62 -22.68 27.31
CA VAL B 223 9.17 -22.76 27.17
C VAL B 223 8.40 -22.66 28.52
N GLU B 224 8.83 -23.42 29.53
CA GLU B 224 8.21 -23.42 30.86
C GLU B 224 8.18 -22.01 31.44
N ARG B 225 9.34 -21.36 31.39
CA ARG B 225 9.45 -19.99 31.83
C ARG B 225 8.53 -19.08 31.03
N LYS B 226 8.53 -19.26 29.70
CA LYS B 226 7.59 -18.50 28.87
C LYS B 226 6.15 -18.70 29.32
N ASN B 227 5.76 -19.96 29.50
CA ASN B 227 4.36 -20.30 29.88
C ASN B 227 3.97 -19.72 31.22
N SER B 228 4.95 -19.72 32.13
CA SER B 228 4.83 -19.04 33.40
C SER B 228 4.56 -17.55 33.21
N ASP B 229 5.41 -16.87 32.45
CA ASP B 229 5.22 -15.42 32.20
C ASP B 229 3.80 -15.13 31.71
N ILE B 230 3.31 -15.97 30.80
CA ILE B 230 2.00 -15.81 30.18
C ILE B 230 0.91 -15.85 31.24
N LYS B 231 0.88 -16.94 32.02
CA LYS B 231 -0.06 -17.09 33.15
C LYS B 231 -0.04 -15.87 34.11
N ARG B 232 1.16 -15.43 34.46
CA ARG B 232 1.28 -14.33 35.40
C ARG B 232 0.81 -13.03 34.78
N LEU B 233 1.26 -12.75 33.56
CA LEU B 233 0.90 -11.49 32.91
C LEU B 233 -0.61 -11.41 32.65
N LEU B 234 -1.21 -12.55 32.28
CA LEU B 234 -2.65 -12.62 32.11
C LEU B 234 -3.33 -12.17 33.38
N THR B 235 -3.05 -12.89 34.48
CA THR B 235 -3.61 -12.63 35.80
C THR B 235 -3.55 -11.16 36.17
N LYS B 236 -2.40 -10.54 35.90
CA LYS B 236 -2.15 -9.15 36.26
C LYS B 236 -3.11 -8.21 35.52
N LEU B 237 -3.59 -8.62 34.35
CA LEU B 237 -4.47 -7.73 33.60
C LEU B 237 -5.98 -8.08 33.68
N LEU B 238 -6.29 -9.36 33.84
CA LEU B 238 -7.67 -9.77 34.15
C LEU B 238 -8.15 -9.37 35.57
N VAL B 239 -7.31 -8.67 36.35
CA VAL B 239 -7.82 -8.04 37.59
C VAL B 239 -8.14 -6.59 37.28
N GLY B 240 -9.21 -6.08 37.87
CA GLY B 240 -9.73 -4.77 37.54
C GLY B 240 -10.65 -4.84 36.33
N ARG B 241 -10.22 -5.56 35.29
CA ARG B 241 -10.99 -5.74 34.06
C ARG B 241 -11.00 -7.20 33.60
N PRO B 242 -11.67 -8.08 34.36
CA PRO B 242 -11.65 -9.54 34.13
C PRO B 242 -12.42 -9.92 32.88
N THR B 243 -12.91 -8.91 32.19
CA THR B 243 -13.95 -9.05 31.20
C THR B 243 -13.50 -8.40 29.89
N LYS B 244 -12.40 -7.66 29.96
CA LYS B 244 -11.90 -6.91 28.82
C LYS B 244 -10.61 -7.51 28.24
N TRP B 245 -10.33 -8.79 28.54
CA TRP B 245 -9.06 -9.39 28.11
C TRP B 245 -8.96 -9.69 26.64
N TYR B 246 -10.09 -9.95 26.00
CA TYR B 246 -10.12 -10.19 24.57
C TYR B 246 -9.39 -9.09 23.80
N ASP B 247 -9.69 -7.84 24.11
CA ASP B 247 -9.09 -6.66 23.43
C ASP B 247 -7.61 -6.53 23.74
N LEU B 248 -7.16 -7.15 24.81
CA LEU B 248 -5.77 -6.97 25.25
C LEU B 248 -4.82 -8.03 24.76
N LEU B 249 -5.35 -9.11 24.17
CA LEU B 249 -4.46 -10.16 23.72
C LEU B 249 -3.36 -9.64 22.78
N PRO B 250 -3.68 -8.74 21.83
CA PRO B 250 -2.59 -8.17 21.00
C PRO B 250 -1.44 -7.57 21.84
N VAL B 251 -1.79 -6.72 22.80
CA VAL B 251 -0.75 -6.02 23.54
C VAL B 251 0.06 -6.98 24.44
N VAL B 252 -0.60 -8.01 24.93
CA VAL B 252 0.07 -9.08 25.67
C VAL B 252 1.13 -9.76 24.85
N GLN B 253 0.80 -10.13 23.62
CA GLN B 253 1.75 -10.82 22.76
C GLN B 253 2.97 -9.94 22.47
N LEU B 254 2.73 -8.69 22.13
CA LEU B 254 3.85 -7.77 21.84
C LEU B 254 4.79 -7.72 23.01
N ALA B 255 4.18 -7.61 24.20
CA ALA B 255 4.92 -7.60 25.47
C ALA B 255 5.75 -8.86 25.58
N LEU B 256 5.10 -10.01 25.53
CA LEU B 256 5.81 -11.26 25.65
C LEU B 256 6.91 -11.42 24.65
N ASN B 257 6.73 -10.87 23.44
CA ASN B 257 7.65 -11.18 22.32
C ASN B 257 8.79 -10.15 22.22
N ASN B 258 8.58 -9.02 22.91
CA ASN B 258 9.63 -8.03 23.04
C ASN B 258 10.25 -8.01 24.45
N THR B 259 10.15 -9.15 25.15
CA THR B 259 10.76 -9.32 26.46
C THR B 259 12.15 -9.90 26.29
N TYR B 260 13.11 -9.25 26.93
CA TYR B 260 14.48 -9.74 26.94
C TYR B 260 14.61 -11.16 27.60
N SER B 261 15.35 -12.05 26.94
CA SER B 261 15.67 -13.40 27.48
C SER B 261 17.06 -13.46 28.17
N PRO B 262 17.10 -13.57 29.52
CA PRO B 262 18.34 -13.80 30.27
C PRO B 262 19.32 -14.75 29.54
N VAL B 263 18.88 -15.97 29.24
CA VAL B 263 19.74 -17.04 28.68
C VAL B 263 20.30 -16.73 27.28
N LEU B 264 19.44 -16.26 26.37
CA LEU B 264 19.93 -15.77 25.09
C LEU B 264 20.08 -14.24 25.21
N LYS B 265 20.90 -13.63 24.37
CA LYS B 265 21.03 -12.20 24.44
C LYS B 265 19.82 -11.47 23.80
N TYR B 266 18.76 -12.21 23.44
CA TYR B 266 17.78 -11.66 22.50
C TYR B 266 16.31 -11.87 22.84
N THR B 267 15.44 -10.97 22.37
CA THR B 267 13.97 -11.19 22.43
C THR B 267 13.48 -12.18 21.36
N PRO B 268 12.29 -12.78 21.58
CA PRO B 268 11.73 -13.66 20.53
C PRO B 268 11.56 -12.91 19.19
N HIS B 269 10.97 -11.72 19.24
CA HIS B 269 10.98 -10.88 18.05
C HIS B 269 12.29 -10.92 17.34
N GLN B 270 13.39 -10.66 18.03
CA GLN B 270 14.67 -10.58 17.32
C GLN B 270 15.08 -11.90 16.70
N LEU B 271 14.84 -13.00 17.39
CA LEU B 271 15.27 -14.29 16.88
C LEU B 271 14.40 -14.76 15.72
N LEU B 272 13.16 -14.27 15.70
CA LEU B 272 12.22 -14.73 14.70
C LEU B 272 12.46 -13.99 13.39
N PHE B 273 12.63 -12.68 13.48
CA PHE B 273 12.79 -11.81 12.33
C PHE B 273 14.18 -11.25 12.07
N GLY B 274 15.14 -11.50 12.96
CA GLY B 274 16.50 -10.93 12.83
C GLY B 274 16.60 -9.40 12.74
N ILE B 275 15.74 -8.70 13.45
CA ILE B 275 15.80 -7.23 13.52
C ILE B 275 15.28 -6.76 14.86
N ASP B 276 15.54 -5.49 15.17
CA ASP B 276 14.94 -4.87 16.33
C ASP B 276 13.49 -4.60 16.01
N SER B 277 12.73 -4.26 17.04
CA SER B 277 11.33 -4.16 16.91
C SER B 277 10.96 -2.71 17.06
N ASN B 278 9.91 -2.26 16.40
CA ASN B 278 9.44 -0.89 16.62
C ASN B 278 8.71 -0.67 17.93
N THR B 279 8.47 -1.74 18.68
CA THR B 279 7.92 -1.57 20.03
C THR B 279 8.76 -2.39 21.00
N PRO B 280 9.87 -1.82 21.49
CA PRO B 280 10.68 -2.50 22.51
C PRO B 280 10.02 -2.27 23.86
N PHE B 281 10.07 -3.24 24.76
CA PHE B 281 9.44 -3.02 26.05
C PHE B 281 10.57 -2.82 27.04
N ALA B 282 11.08 -1.58 27.02
CA ALA B 282 12.30 -1.19 27.73
C ALA B 282 12.18 -1.35 29.25
N ASN B 283 10.96 -1.23 29.77
CA ASN B 283 10.66 -1.56 31.17
C ASN B 283 10.38 -3.05 31.38
N GLN B 284 11.44 -3.85 31.53
CA GLN B 284 11.33 -5.22 32.04
C GLN B 284 10.53 -5.07 33.34
N ASP B 285 9.25 -5.46 33.29
CA ASP B 285 8.24 -4.94 34.23
C ASP B 285 8.01 -5.70 35.55
N THR B 286 7.09 -5.17 36.38
CA THR B 286 6.81 -5.73 37.72
C THR B 286 6.33 -7.18 37.66
N LEU B 287 5.30 -7.43 36.83
CA LEU B 287 4.73 -8.77 36.64
C LEU B 287 4.14 -9.33 37.94
N ASP B 288 4.36 -8.60 39.03
CA ASP B 288 3.85 -8.93 40.36
C ASP B 288 2.67 -8.03 40.73
N LEU B 289 1.79 -8.56 41.56
CA LEU B 289 0.58 -7.87 42.01
C LEU B 289 0.84 -6.87 43.16
N THR B 290 0.49 -5.60 42.93
CA THR B 290 0.54 -4.55 43.98
C THR B 290 -0.47 -4.90 45.09
N ARG B 291 -0.24 -4.37 46.29
CA ARG B 291 -1.08 -4.71 47.46
C ARG B 291 -2.60 -4.44 47.25
N GLU B 292 -2.92 -3.50 46.35
CA GLU B 292 -4.31 -3.23 45.93
C GLU B 292 -4.95 -4.37 45.14
N GLU B 293 -4.18 -4.96 44.22
CA GLU B 293 -4.65 -6.04 43.35
C GLU B 293 -4.78 -7.38 44.10
N GLU B 294 -3.86 -7.68 45.01
CA GLU B 294 -3.98 -8.85 45.91
C GLU B 294 -5.26 -8.70 46.76
N LEU B 295 -5.58 -7.46 47.11
CA LEU B 295 -6.73 -7.11 47.97
C LEU B 295 -8.09 -7.22 47.27
N SER B 296 -8.17 -6.83 46.00
CA SER B 296 -9.43 -6.95 45.25
C SER B 296 -9.49 -8.16 44.30
N LEU B 297 -8.44 -8.98 44.33
CA LEU B 297 -8.46 -10.31 43.71
C LEU B 297 -8.75 -11.39 44.76
N LEU B 298 -8.22 -11.22 45.98
CA LEU B 298 -8.55 -12.11 47.11
C LEU B 298 -9.98 -11.84 47.65
N GLN B 299 -10.64 -10.82 47.10
CA GLN B 299 -12.05 -10.47 47.43
C GLN B 299 -13.06 -10.83 46.32
N GLU B 300 -12.70 -10.54 45.06
CA GLU B 300 -13.52 -10.89 43.89
C GLU B 300 -13.65 -12.41 43.65
N ILE B 301 -12.57 -13.16 43.87
CA ILE B 301 -12.59 -14.63 43.83
C ILE B 301 -13.03 -15.23 45.19
N ARG B 302 -14.25 -14.86 45.63
CA ARG B 302 -14.85 -15.37 46.88
C ARG B 302 -16.38 -15.34 46.84
#